data_8UAN
#
_entry.id   8UAN
#
_cell.length_a   54.863
_cell.length_b   95.920
_cell.length_c   118.162
_cell.angle_alpha   90.00
_cell.angle_beta   90.00
_cell.angle_gamma   90.00
#
_symmetry.space_group_name_H-M   'C 2 2 21'
#
loop_
_entity.id
_entity.type
_entity.pdbx_description
1 polymer '2-aminoethanethiol dioxygenase'
2 non-polymer 'COBALT (II) ION'
3 non-polymer GLYCEROL
4 water water
#
_entity_poly.entity_id   1
_entity_poly.type   'polypeptide(L)'
_entity_poly.pdbx_seq_one_letter_code
;GHMASPRDNMASLIQRIARQASLTFRGSGGGRGASDRDAASGPEAPMQPGFPENLSKLKSLLTQLRAEDLNIAPRKATLQ
PLPPNLPPVTYMHIYETDGFSLGVFLLKSGTSIPLHDHPGMHGMLKVLYGTVRISCMDKLDAGGGQRPRALPPEQQFEPP
LQPREREAVRPGVLRSRAEYTEASGPCILTPHRDNLHQIDAVEGPAAFLDILAPPYDPDDGRDCHYYRVLEPVRPKEASS
SASDLPREVWLLETPQADDFWCEGEPYPGPKVFP
;
_entity_poly.pdbx_strand_id   A
#
loop_
_chem_comp.id
_chem_comp.type
_chem_comp.name
_chem_comp.formula
CO non-polymer 'COBALT (II) ION' 'Co 2'
GOL non-polymer GLYCEROL 'C3 H8 O3'
#
# COMPACT_ATOMS: atom_id res chain seq x y z
N ARG A 7 -19.65 -20.01 15.56
CA ARG A 7 -19.83 -19.41 16.89
C ARG A 7 -21.02 -18.44 16.87
N ASP A 8 -21.78 -18.45 17.97
CA ASP A 8 -22.95 -17.58 18.11
C ASP A 8 -22.53 -16.12 18.32
N ASN A 9 -23.43 -15.22 17.94
CA ASN A 9 -23.33 -13.80 18.28
C ASN A 9 -22.03 -13.14 17.80
N MET A 10 -21.31 -13.78 16.87
CA MET A 10 -20.13 -13.16 16.29
C MET A 10 -20.49 -11.99 15.36
N ALA A 11 -19.75 -10.89 15.50
CA ALA A 11 -19.91 -9.75 14.60
C ALA A 11 -19.38 -10.08 13.20
N SER A 12 -19.71 -9.23 12.23
CA SER A 12 -19.18 -9.42 10.90
C SER A 12 -17.65 -9.43 10.94
N LEU A 13 -17.07 -10.19 10.01
CA LEU A 13 -15.62 -10.21 9.93
C LEU A 13 -15.05 -8.80 9.78
N ILE A 14 -15.70 -7.95 8.96
CA ILE A 14 -15.13 -6.62 8.78
C ILE A 14 -15.24 -5.83 10.08
N GLN A 15 -16.30 -6.03 10.87
CA GLN A 15 -16.37 -5.39 12.18
C GLN A 15 -15.24 -5.87 13.08
N ARG A 16 -14.94 -7.16 13.05
CA ARG A 16 -13.89 -7.69 13.91
C ARG A 16 -12.50 -7.24 13.44
N ILE A 17 -12.31 -7.14 12.14
CA ILE A 17 -11.04 -6.61 11.63
C ILE A 17 -10.85 -5.20 12.12
N ALA A 18 -11.90 -4.39 11.98
CA ALA A 18 -11.83 -2.99 12.41
C ALA A 18 -11.55 -2.88 13.90
N ARG A 19 -12.25 -3.69 14.72
CA ARG A 19 -11.95 -3.73 16.15
C ARG A 19 -10.49 -4.04 16.42
N GLN A 20 -9.97 -5.08 15.77
CA GLN A 20 -8.60 -5.50 16.03
C GLN A 20 -7.60 -4.43 15.56
N ALA A 21 -7.86 -3.79 14.42
CA ALA A 21 -6.95 -2.71 14.00
C ALA A 21 -6.98 -1.57 15.02
N SER A 22 -8.14 -1.28 15.59
CA SER A 22 -8.23 -0.26 16.64
C SER A 22 -7.36 -0.63 17.85
N LEU A 23 -7.46 -1.90 18.28
CA LEU A 23 -6.65 -2.35 19.41
C LEU A 23 -5.17 -2.34 19.06
N THR A 24 -4.85 -2.73 17.83
CA THR A 24 -3.45 -2.82 17.41
C THR A 24 -2.79 -1.46 17.35
N PHE A 25 -3.51 -0.42 16.88
CA PHE A 25 -2.87 0.85 16.54
C PHE A 25 -3.31 2.03 17.38
N ARG A 26 -4.58 2.13 17.75
CA ARG A 26 -5.04 3.13 18.72
C ARG A 26 -4.78 4.59 18.38
N GLU A 44 -5.25 -3.40 32.70
CA GLU A 44 -4.09 -3.69 33.53
C GLU A 44 -4.05 -5.15 33.99
N ALA A 45 -5.20 -5.70 34.43
CA ALA A 45 -5.26 -7.02 35.08
C ALA A 45 -6.50 -7.80 34.66
N PRO A 46 -6.36 -8.91 33.91
CA PRO A 46 -5.13 -9.47 33.31
C PRO A 46 -4.57 -8.67 32.14
N MET A 47 -3.32 -8.94 31.80
CA MET A 47 -2.64 -8.15 30.79
C MET A 47 -3.22 -8.41 29.41
N GLN A 48 -3.58 -7.34 28.72
CA GLN A 48 -4.07 -7.47 27.37
C GLN A 48 -2.90 -7.52 26.40
N PRO A 49 -3.11 -7.93 25.16
CA PRO A 49 -1.96 -8.18 24.26
C PRO A 49 -1.18 -6.90 23.96
N GLY A 50 0.06 -7.09 23.55
CA GLY A 50 0.89 -6.02 23.04
C GLY A 50 0.85 -5.94 21.52
N PHE A 51 1.73 -5.10 20.98
CA PHE A 51 1.70 -4.85 19.54
C PHE A 51 2.05 -6.09 18.71
N PRO A 52 3.16 -6.80 18.94
CA PRO A 52 3.43 -8.00 18.11
C PRO A 52 2.30 -9.01 18.13
N GLU A 53 1.77 -9.35 19.31
CA GLU A 53 0.64 -10.27 19.35
C GLU A 53 -0.56 -9.69 18.60
N ASN A 54 -0.90 -8.44 18.87
CA ASN A 54 -2.03 -7.82 18.19
C ASN A 54 -1.84 -7.81 16.67
N LEU A 55 -0.66 -7.39 16.21
CA LEU A 55 -0.40 -7.36 14.76
C LEU A 55 -0.62 -8.74 14.15
N SER A 56 -0.09 -9.78 14.81
CA SER A 56 -0.29 -11.16 14.35
C SER A 56 -1.77 -11.53 14.28
N LYS A 57 -2.54 -11.16 15.30
CA LYS A 57 -3.98 -11.43 15.26
C LYS A 57 -4.65 -10.69 14.10
N LEU A 58 -4.34 -9.40 13.94
CA LEU A 58 -4.87 -8.64 12.81
C LEU A 58 -4.61 -9.36 11.49
N LYS A 59 -3.37 -9.82 11.29
CA LYS A 59 -3.01 -10.53 10.06
C LYS A 59 -3.81 -11.82 9.94
N SER A 60 -4.05 -12.50 11.07
CA SER A 60 -4.87 -13.71 11.06
C SER A 60 -6.29 -13.42 10.59
N LEU A 61 -6.90 -12.35 11.11
CA LEU A 61 -8.23 -11.99 10.66
C LEU A 61 -8.24 -11.67 9.17
N LEU A 62 -7.19 -10.96 8.69
CA LEU A 62 -7.20 -10.53 7.29
C LEU A 62 -6.99 -11.69 6.34
N THR A 63 -6.28 -12.74 6.78
CA THR A 63 -6.08 -13.88 5.89
C THR A 63 -7.39 -14.56 5.57
N GLN A 64 -8.40 -14.46 6.45
CA GLN A 64 -9.69 -15.09 6.21
C GLN A 64 -10.62 -14.23 5.36
N LEU A 65 -10.32 -12.95 5.22
CA LEU A 65 -11.24 -12.07 4.52
C LEU A 65 -11.34 -12.46 3.05
N ARG A 66 -12.57 -12.51 2.55
CA ARG A 66 -12.89 -12.81 1.15
C ARG A 66 -13.73 -11.67 0.59
N ALA A 67 -13.71 -11.54 -0.73
CA ALA A 67 -14.54 -10.54 -1.40
C ALA A 67 -16.00 -10.64 -0.95
N GLU A 68 -16.55 -11.86 -0.90
CA GLU A 68 -17.97 -11.96 -0.57
C GLU A 68 -18.26 -11.49 0.84
N ASP A 69 -17.26 -11.50 1.73
CA ASP A 69 -17.46 -11.00 3.09
C ASP A 69 -17.72 -9.50 3.10
N LEU A 70 -17.32 -8.80 2.04
CA LEU A 70 -17.58 -7.38 1.85
C LEU A 70 -18.67 -7.14 0.81
N ASN A 71 -19.38 -8.21 0.38
CA ASN A 71 -20.43 -8.10 -0.63
C ASN A 71 -19.93 -7.41 -1.89
N ILE A 72 -18.68 -7.68 -2.26
CA ILE A 72 -18.06 -7.15 -3.47
C ILE A 72 -17.91 -8.30 -4.45
N ALA A 73 -18.52 -8.18 -5.62
CA ALA A 73 -18.36 -9.20 -6.65
C ALA A 73 -17.08 -8.95 -7.44
N PRO A 74 -16.36 -10.01 -7.80
CA PRO A 74 -15.20 -9.83 -8.68
C PRO A 74 -15.61 -9.12 -9.97
N ARG A 75 -14.84 -8.12 -10.35
CA ARG A 75 -15.09 -7.41 -11.60
C ARG A 75 -14.20 -7.99 -12.70
N LYS A 76 -14.61 -7.79 -13.94
CA LYS A 76 -13.86 -8.29 -15.09
C LYS A 76 -13.88 -7.28 -16.23
N ALA A 77 -12.96 -7.46 -17.18
CA ALA A 77 -12.87 -6.57 -18.34
C ALA A 77 -11.63 -6.88 -19.17
N GLN A 80 -12.02 0.58 -21.29
CA GLN A 80 -10.78 0.31 -22.03
C GLN A 80 -10.98 0.49 -23.52
N PRO A 81 -10.16 1.35 -24.12
CA PRO A 81 -9.11 2.08 -23.37
C PRO A 81 -9.70 2.99 -22.31
N LEU A 82 -8.93 3.35 -21.29
CA LEU A 82 -9.45 4.19 -20.22
C LEU A 82 -9.27 5.65 -20.61
N PRO A 83 -10.35 6.39 -20.88
CA PRO A 83 -10.21 7.81 -21.22
C PRO A 83 -9.84 8.63 -20.00
N PRO A 84 -9.27 9.82 -20.19
CA PRO A 84 -8.96 10.68 -19.03
C PRO A 84 -10.17 10.99 -18.15
N ASN A 85 -11.40 10.91 -18.70
CA ASN A 85 -12.62 11.19 -17.93
C ASN A 85 -12.79 10.23 -16.74
N LEU A 86 -12.28 8.98 -16.84
CA LEU A 86 -12.56 7.88 -15.92
C LEU A 86 -11.38 7.60 -15.00
N PRO A 87 -11.61 7.34 -13.71
CA PRO A 87 -10.49 7.02 -12.79
C PRO A 87 -9.98 5.60 -13.04
N PRO A 88 -8.67 5.40 -13.06
CA PRO A 88 -8.15 4.04 -13.20
C PRO A 88 -8.39 3.20 -11.96
N VAL A 89 -8.44 3.83 -10.80
CA VAL A 89 -8.61 3.18 -9.51
C VAL A 89 -9.73 3.90 -8.78
N THR A 90 -10.54 3.15 -8.03
CA THR A 90 -11.53 3.75 -7.16
C THR A 90 -11.30 3.31 -5.72
N TYR A 91 -12.03 3.96 -4.80
CA TYR A 91 -11.78 3.81 -3.36
C TYR A 91 -13.11 3.65 -2.65
N MET A 92 -13.16 2.68 -1.74
CA MET A 92 -14.38 2.26 -1.07
C MET A 92 -14.04 2.45 0.40
N HIS A 93 -14.53 3.50 1.03
CA HIS A 93 -14.16 3.79 2.42
C HIS A 93 -14.95 2.91 3.38
N ILE A 94 -14.28 2.36 4.38
CA ILE A 94 -14.95 1.50 5.36
C ILE A 94 -14.94 2.14 6.74
N TYR A 95 -13.78 2.55 7.23
CA TYR A 95 -13.70 3.14 8.56
C TYR A 95 -12.36 3.84 8.72
N GLU A 96 -12.31 4.78 9.67
CA GLU A 96 -11.05 5.34 10.07
C GLU A 96 -11.17 5.96 11.46
N THR A 97 -10.05 5.96 12.17
CA THR A 97 -9.84 6.71 13.40
C THR A 97 -8.54 7.49 13.24
N ASP A 98 -8.13 8.18 14.31
CA ASP A 98 -6.78 8.74 14.38
C ASP A 98 -5.69 7.68 14.30
N GLY A 99 -6.02 6.43 14.59
CA GLY A 99 -5.04 5.38 14.62
C GLY A 99 -4.88 4.61 13.33
N PHE A 100 -5.94 4.46 12.56
CA PHE A 100 -5.86 3.65 11.35
C PHE A 100 -6.94 4.07 10.36
N SER A 101 -6.71 3.73 9.10
CA SER A 101 -7.72 3.84 8.07
C SER A 101 -7.94 2.45 7.48
N LEU A 102 -9.14 2.25 6.94
CA LEU A 102 -9.55 0.93 6.46
C LEU A 102 -10.43 1.16 5.25
N GLY A 103 -10.01 0.67 4.08
CA GLY A 103 -10.73 0.91 2.85
C GLY A 103 -10.33 -0.10 1.80
N VAL A 104 -11.05 -0.09 0.68
CA VAL A 104 -10.77 -1.00 -0.43
C VAL A 104 -10.36 -0.17 -1.64
N PHE A 105 -9.31 -0.61 -2.32
CA PHE A 105 -8.89 -0.01 -3.58
C PHE A 105 -9.21 -1.01 -4.69
N LEU A 106 -9.84 -0.52 -5.76
CA LEU A 106 -10.33 -1.33 -6.87
C LEU A 106 -9.64 -0.84 -8.14
N LEU A 107 -8.73 -1.65 -8.68
CA LEU A 107 -7.94 -1.28 -9.87
C LEU A 107 -8.64 -1.79 -11.13
N LYS A 108 -8.78 -0.93 -12.13
CA LYS A 108 -9.29 -1.39 -13.42
C LYS A 108 -8.20 -2.16 -14.17
N SER A 109 -8.62 -2.92 -15.19
CA SER A 109 -7.68 -3.67 -16.03
C SER A 109 -6.54 -2.78 -16.49
N GLY A 110 -5.32 -3.31 -16.42
CA GLY A 110 -4.15 -2.62 -16.92
C GLY A 110 -3.76 -1.35 -16.20
N THR A 111 -4.27 -1.12 -15.00
CA THR A 111 -3.93 0.07 -14.25
C THR A 111 -2.97 -0.29 -13.13
N SER A 112 -2.51 0.73 -12.43
CA SER A 112 -1.60 0.49 -11.31
C SER A 112 -1.62 1.69 -10.40
N ILE A 113 -1.35 1.45 -9.12
CA ILE A 113 -1.11 2.51 -8.15
C ILE A 113 0.40 2.79 -8.16
N PRO A 114 0.84 3.94 -8.65
CA PRO A 114 2.28 4.14 -8.85
C PRO A 114 3.03 4.08 -7.54
N LEU A 115 4.35 3.91 -7.69
CA LEU A 115 5.26 3.74 -6.57
C LEU A 115 5.14 4.89 -5.58
N HIS A 116 4.92 4.56 -4.30
CA HIS A 116 4.65 5.57 -3.28
C HIS A 116 5.05 5.05 -1.89
N ASP A 117 5.23 5.99 -0.96
CA ASP A 117 5.67 5.67 0.39
C ASP A 117 4.54 5.86 1.40
N HIS A 118 4.88 5.57 2.67
CA HIS A 118 3.94 5.60 3.79
C HIS A 118 4.68 6.12 5.02
N PRO A 119 4.95 7.43 5.08
CA PRO A 119 5.91 7.96 6.06
C PRO A 119 5.53 7.65 7.49
N GLY A 120 6.42 6.93 8.20
CA GLY A 120 6.19 6.56 9.59
C GLY A 120 5.00 5.66 9.82
N MET A 121 4.51 4.98 8.78
CA MET A 121 3.26 4.23 8.86
C MET A 121 3.51 2.73 8.77
N HIS A 122 2.64 1.99 9.42
CA HIS A 122 2.48 0.56 9.21
C HIS A 122 1.36 0.35 8.22
N GLY A 123 1.41 -0.76 7.49
CA GLY A 123 0.32 -1.05 6.57
C GLY A 123 0.13 -2.54 6.41
N MET A 124 -1.06 -2.91 5.98
CA MET A 124 -1.29 -4.31 5.71
C MET A 124 -2.41 -4.39 4.69
N LEU A 125 -2.26 -5.26 3.70
CA LEU A 125 -3.28 -5.32 2.66
C LEU A 125 -3.56 -6.77 2.30
N LYS A 126 -4.75 -7.00 1.75
CA LYS A 126 -5.19 -8.34 1.41
C LYS A 126 -6.00 -8.28 0.11
N VAL A 127 -5.56 -9.06 -0.89
CA VAL A 127 -6.22 -9.08 -2.20
C VAL A 127 -7.56 -9.79 -2.09
N LEU A 128 -8.60 -9.17 -2.66
CA LEU A 128 -9.96 -9.67 -2.63
C LEU A 128 -10.34 -10.44 -3.90
N TYR A 129 -9.90 -9.98 -5.06
CA TYR A 129 -10.04 -10.71 -6.30
C TYR A 129 -8.98 -10.21 -7.26
N GLY A 130 -8.73 -11.01 -8.29
CA GLY A 130 -7.74 -10.66 -9.28
C GLY A 130 -6.33 -10.94 -8.82
N THR A 131 -5.39 -10.45 -9.60
CA THR A 131 -3.97 -10.58 -9.29
C THR A 131 -3.32 -9.21 -9.37
N VAL A 132 -2.46 -8.92 -8.40
CA VAL A 132 -1.67 -7.69 -8.43
C VAL A 132 -0.21 -8.06 -8.31
N ARG A 133 0.64 -7.31 -9.02
CA ARG A 133 2.07 -7.35 -8.79
C ARG A 133 2.41 -6.22 -7.83
N ILE A 134 3.02 -6.55 -6.70
CA ILE A 134 3.42 -5.55 -5.73
C ILE A 134 4.94 -5.49 -5.72
N SER A 135 5.48 -4.32 -6.08
CA SER A 135 6.93 -4.10 -6.03
C SER A 135 7.26 -3.38 -4.73
N CYS A 136 8.13 -3.98 -3.92
CA CYS A 136 8.42 -3.49 -2.58
C CYS A 136 9.84 -2.96 -2.51
N MET A 137 9.98 -1.72 -2.03
CA MET A 137 11.29 -1.12 -1.92
C MET A 137 11.41 -0.25 -0.67
N ASP A 138 12.64 0.18 -0.43
CA ASP A 138 12.96 1.08 0.66
C ASP A 138 13.99 2.11 0.20
N LYS A 139 13.86 3.32 0.70
CA LYS A 139 14.96 4.26 0.63
C LYS A 139 16.03 3.85 1.65
N LEU A 140 17.31 3.94 1.26
CA LEU A 140 18.39 3.60 2.20
C LEU A 140 18.39 4.58 3.36
N ASP A 141 18.50 4.04 4.58
CA ASP A 141 18.28 4.79 5.80
C ASP A 141 19.51 4.63 6.66
N ALA A 142 20.17 5.75 7.01
CA ALA A 142 21.34 5.64 7.88
C ALA A 142 20.96 5.16 9.29
N GLY A 143 19.69 5.28 9.67
CA GLY A 143 19.23 4.74 10.93
C GLY A 143 19.14 3.23 10.97
N GLY A 144 19.16 2.58 9.81
CA GLY A 144 19.17 1.14 9.77
C GLY A 144 20.56 0.58 9.50
N GLY A 145 21.60 1.38 9.76
CA GLY A 145 22.94 0.92 9.53
C GLY A 145 23.42 1.02 8.10
N GLN A 146 22.64 1.59 7.19
CA GLN A 146 23.06 1.88 5.83
C GLN A 146 23.86 3.18 5.78
N ARG A 147 24.57 3.41 4.67
CA ARG A 147 25.31 4.65 4.48
C ARG A 147 24.93 5.22 3.13
N PRO A 148 23.76 5.86 3.03
CA PRO A 148 23.30 6.33 1.72
C PRO A 148 24.31 7.30 1.10
N ARG A 149 24.66 7.03 -0.16
CA ARG A 149 25.59 7.86 -0.91
C ARG A 149 24.83 8.77 -1.88
N ALA A 150 25.44 9.91 -2.20
CA ALA A 150 24.91 10.79 -3.23
C ALA A 150 25.28 10.26 -4.61
N LEU A 151 24.41 10.56 -5.58
CA LEU A 151 24.67 10.20 -6.97
C LEU A 151 26.09 10.58 -7.37
N PRO A 152 26.89 9.64 -7.89
CA PRO A 152 28.17 10.00 -8.47
C PRO A 152 27.99 10.88 -9.69
N PRO A 153 28.94 11.76 -9.99
CA PRO A 153 28.74 12.72 -11.09
C PRO A 153 28.75 12.07 -12.46
N GLU A 154 29.52 11.00 -12.66
CA GLU A 154 29.60 10.36 -13.96
C GLU A 154 28.42 9.43 -14.25
N GLN A 155 27.52 9.25 -13.29
CA GLN A 155 26.38 8.35 -13.48
C GLN A 155 25.28 9.07 -14.25
N GLN A 156 24.83 8.45 -15.34
CA GLN A 156 23.87 9.08 -16.23
C GLN A 156 22.68 8.16 -16.44
N PHE A 157 21.54 8.77 -16.74
CA PHE A 157 20.28 8.06 -16.81
C PHE A 157 19.57 8.39 -18.11
N GLU A 158 18.56 7.56 -18.41
CA GLU A 158 17.63 7.78 -19.50
C GLU A 158 16.22 7.86 -18.94
N PRO A 159 15.52 9.00 -19.08
CA PRO A 159 15.98 10.28 -19.63
C PRO A 159 17.02 10.90 -18.73
N PRO A 160 17.88 11.76 -19.28
CA PRO A 160 18.86 12.46 -18.46
C PRO A 160 18.18 13.32 -17.39
N LEU A 161 18.92 13.58 -16.32
CA LEU A 161 18.40 14.29 -15.16
C LEU A 161 18.82 15.74 -15.22
N GLN A 162 17.92 16.65 -14.88
CA GLN A 162 18.33 18.03 -14.66
C GLN A 162 19.30 18.07 -13.48
N PRO A 163 20.19 19.08 -13.43
CA PRO A 163 21.13 19.13 -12.29
C PRO A 163 20.41 19.28 -10.96
N ARG A 164 19.30 20.01 -10.93
CA ARG A 164 18.52 20.09 -9.70
C ARG A 164 18.03 18.70 -9.26
N GLU A 165 17.56 17.89 -10.21
CA GLU A 165 17.13 16.53 -9.89
C GLU A 165 18.27 15.68 -9.32
N ARG A 166 19.47 15.80 -9.91
CA ARG A 166 20.61 14.99 -9.50
C ARG A 166 20.85 15.04 -8.00
N GLU A 167 20.63 16.21 -7.40
CA GLU A 167 20.88 16.36 -5.97
C GLU A 167 19.69 15.96 -5.11
N ALA A 168 18.55 15.65 -5.72
CA ALA A 168 17.41 15.13 -4.99
C ALA A 168 17.28 13.62 -5.08
N VAL A 169 18.13 12.97 -5.88
CA VAL A 169 18.08 11.52 -6.02
C VAL A 169 18.47 10.87 -4.70
N ARG A 170 17.77 9.78 -4.35
CA ARG A 170 18.02 9.00 -3.14
C ARG A 170 18.38 7.58 -3.52
N PRO A 171 19.35 6.97 -2.84
CA PRO A 171 19.60 5.54 -3.04
C PRO A 171 18.52 4.71 -2.35
N GLY A 172 18.16 3.61 -2.98
CA GLY A 172 17.17 2.72 -2.43
C GLY A 172 17.51 1.28 -2.77
N VAL A 173 16.64 0.38 -2.37
CA VAL A 173 16.80 -1.03 -2.70
C VAL A 173 15.44 -1.58 -3.11
N LEU A 174 15.40 -2.27 -4.25
CA LEU A 174 14.23 -3.02 -4.66
C LEU A 174 14.32 -4.41 -4.05
N ARG A 175 13.43 -4.71 -3.12
CA ARG A 175 13.52 -5.95 -2.36
C ARG A 175 12.76 -7.12 -3.00
N SER A 176 11.55 -6.88 -3.50
CA SER A 176 10.75 -7.97 -4.05
C SER A 176 9.77 -7.41 -5.05
N ARG A 177 9.22 -8.30 -5.87
CA ARG A 177 8.39 -7.93 -7.02
C ARG A 177 7.47 -9.10 -7.38
N ALA A 178 6.65 -9.55 -6.43
CA ALA A 178 5.85 -10.76 -6.57
C ALA A 178 4.40 -10.43 -6.90
N GLU A 179 3.66 -11.46 -7.34
CA GLU A 179 2.23 -11.34 -7.60
C GLU A 179 1.46 -11.97 -6.47
N TYR A 180 0.34 -11.35 -6.12
CA TYR A 180 -0.48 -11.82 -5.01
C TYR A 180 -1.93 -11.94 -5.47
N THR A 181 -2.62 -12.93 -4.93
CA THR A 181 -4.02 -13.15 -5.23
C THR A 181 -4.77 -13.27 -3.92
N GLU A 182 -6.07 -13.56 -4.02
CA GLU A 182 -6.89 -13.77 -2.83
C GLU A 182 -6.33 -14.88 -1.95
N ALA A 183 -5.55 -15.80 -2.52
CA ALA A 183 -4.99 -16.92 -1.77
C ALA A 183 -3.71 -16.56 -1.05
N SER A 184 -3.00 -15.51 -1.47
CA SER A 184 -1.77 -15.13 -0.79
C SER A 184 -2.06 -14.59 0.61
N GLY A 185 -1.08 -14.70 1.49
CA GLY A 185 -1.17 -14.07 2.77
C GLY A 185 -1.17 -12.55 2.62
N PRO A 186 -1.62 -11.85 3.65
CA PRO A 186 -1.60 -10.37 3.62
C PRO A 186 -0.18 -9.86 3.39
N CYS A 187 -0.06 -8.72 2.71
CA CYS A 187 1.21 -8.04 2.54
C CYS A 187 1.35 -6.95 3.59
N ILE A 188 2.49 -6.96 4.27
CA ILE A 188 2.73 -6.10 5.41
C ILE A 188 3.90 -5.19 5.09
N LEU A 189 3.80 -3.94 5.48
CA LEU A 189 4.91 -3.00 5.41
C LEU A 189 5.01 -2.27 6.72
N THR A 190 6.20 -1.74 7.00
CA THR A 190 6.45 -1.04 8.25
C THR A 190 7.05 0.31 7.93
N PRO A 191 7.18 1.21 8.91
CA PRO A 191 7.83 2.50 8.62
C PRO A 191 9.20 2.36 7.99
N HIS A 192 9.91 1.27 8.26
CA HIS A 192 11.29 1.13 7.80
C HIS A 192 11.52 -0.09 6.94
N ARG A 193 10.49 -0.83 6.55
CA ARG A 193 10.72 -2.01 5.73
C ARG A 193 9.59 -2.19 4.74
N ASP A 194 9.96 -2.36 3.47
CA ASP A 194 8.98 -2.40 2.38
C ASP A 194 8.08 -1.17 2.42
N ASN A 195 8.62 -0.02 2.80
CA ASN A 195 7.77 1.15 2.98
C ASN A 195 7.31 1.78 1.66
N LEU A 196 8.04 1.55 0.56
CA LEU A 196 7.64 2.02 -0.77
C LEU A 196 7.04 0.84 -1.53
N HIS A 197 5.90 1.05 -2.19
CA HIS A 197 5.40 -0.04 -3.02
C HIS A 197 4.62 0.50 -4.21
N GLN A 198 4.58 -0.32 -5.24
CA GLN A 198 3.79 -0.11 -6.45
C GLN A 198 2.91 -1.35 -6.63
N ILE A 199 1.66 -1.12 -7.03
CA ILE A 199 0.66 -2.19 -7.15
C ILE A 199 0.09 -2.12 -8.57
N ASP A 200 0.39 -3.14 -9.38
CA ASP A 200 -0.10 -3.24 -10.76
C ASP A 200 -1.18 -4.30 -10.84
N ALA A 201 -2.31 -3.99 -11.46
CA ALA A 201 -3.28 -5.01 -11.76
C ALA A 201 -2.74 -5.88 -12.90
N VAL A 202 -2.74 -7.18 -12.70
CA VAL A 202 -2.17 -8.11 -13.68
C VAL A 202 -3.31 -8.90 -14.28
N GLU A 203 -3.38 -8.91 -15.61
CA GLU A 203 -4.36 -9.71 -16.34
C GLU A 203 -5.78 -9.46 -15.86
N GLY A 204 -6.18 -8.18 -15.83
CA GLY A 204 -7.55 -7.84 -15.51
C GLY A 204 -7.70 -7.05 -14.23
N PRO A 205 -8.95 -6.70 -13.89
CA PRO A 205 -9.19 -5.90 -12.70
C PRO A 205 -8.80 -6.63 -11.42
N ALA A 206 -8.49 -5.85 -10.39
CA ALA A 206 -8.10 -6.42 -9.10
C ALA A 206 -8.57 -5.47 -8.01
N ALA A 207 -8.66 -5.99 -6.79
CA ALA A 207 -9.06 -5.16 -5.66
C ALA A 207 -8.40 -5.70 -4.39
N PHE A 208 -8.11 -4.81 -3.44
CA PHE A 208 -7.52 -5.21 -2.18
C PHE A 208 -8.05 -4.36 -1.03
N LEU A 209 -8.17 -5.00 0.15
CA LEU A 209 -8.42 -4.28 1.38
C LEU A 209 -7.09 -3.70 1.90
N ASP A 210 -7.09 -2.44 2.30
CA ASP A 210 -5.89 -1.77 2.78
C ASP A 210 -6.10 -1.23 4.18
N ILE A 211 -5.17 -1.53 5.09
CA ILE A 211 -5.10 -0.94 6.43
C ILE A 211 -3.81 -0.15 6.54
N LEU A 212 -3.92 1.10 6.98
CA LEU A 212 -2.77 1.99 7.14
C LEU A 212 -2.82 2.66 8.51
N ALA A 213 -1.68 2.71 9.19
CA ALA A 213 -1.65 3.24 10.55
C ALA A 213 -0.35 4.00 10.83
N PRO A 214 -0.44 5.27 11.21
CA PRO A 214 -1.63 6.12 11.21
C PRO A 214 -2.07 6.42 9.79
N PRO A 215 -3.28 6.95 9.57
CA PRO A 215 -3.68 7.33 8.21
C PRO A 215 -2.79 8.45 7.68
N TYR A 216 -2.80 8.59 6.36
CA TYR A 216 -2.19 9.77 5.74
C TYR A 216 -2.82 11.03 6.31
N ASP A 217 -2.02 12.09 6.44
CA ASP A 217 -2.56 13.41 6.76
C ASP A 217 -1.93 14.45 5.87
N PRO A 218 -2.50 14.66 4.67
CA PRO A 218 -1.93 15.68 3.77
C PRO A 218 -1.89 17.07 4.39
N ASP A 219 -2.71 17.33 5.41
CA ASP A 219 -2.70 18.64 6.07
C ASP A 219 -1.63 18.75 7.15
N ASP A 220 -1.26 17.65 7.82
CA ASP A 220 -0.27 17.70 8.90
C ASP A 220 1.09 17.17 8.48
N GLY A 221 1.43 17.20 7.20
CA GLY A 221 2.75 16.75 6.82
C GLY A 221 2.98 15.26 6.96
N ARG A 222 1.98 14.44 6.64
CA ARG A 222 2.15 13.00 6.46
C ARG A 222 1.52 12.66 5.11
N ASP A 223 2.25 12.96 4.06
CA ASP A 223 1.77 12.88 2.70
C ASP A 223 2.10 11.53 2.07
N CYS A 224 1.37 11.21 1.00
CA CYS A 224 1.71 10.10 0.12
C CYS A 224 2.64 10.65 -0.97
N HIS A 225 3.91 10.25 -0.93
CA HIS A 225 4.91 10.68 -1.90
C HIS A 225 5.06 9.63 -2.99
N TYR A 226 5.11 10.08 -4.25
CA TYR A 226 5.37 9.19 -5.38
C TYR A 226 6.85 9.27 -5.78
N TYR A 227 7.34 8.20 -6.40
CA TYR A 227 8.74 8.08 -6.78
C TYR A 227 8.85 7.44 -8.15
N ARG A 228 9.96 7.69 -8.84
CA ARG A 228 10.29 6.83 -9.97
C ARG A 228 11.67 6.23 -9.77
N VAL A 229 11.80 4.99 -10.26
CA VAL A 229 13.08 4.28 -10.30
C VAL A 229 13.85 4.73 -11.54
N LEU A 230 15.12 5.09 -11.37
CA LEU A 230 15.90 5.66 -12.47
C LEU A 230 16.61 4.58 -13.29
N GLU A 231 16.71 4.82 -14.61
CA GLU A 231 17.32 3.88 -15.54
C GLU A 231 18.72 4.36 -15.90
N PRO A 232 19.79 3.68 -15.45
CA PRO A 232 21.18 4.06 -15.73
C PRO A 232 21.56 3.85 -17.19
N SER A 243 21.32 -8.13 -11.78
CA SER A 243 20.01 -8.06 -12.42
C SER A 243 18.95 -8.85 -11.64
N ASP A 244 19.33 -9.31 -10.44
CA ASP A 244 18.46 -10.09 -9.57
C ASP A 244 18.17 -9.28 -8.30
N LEU A 245 17.19 -9.75 -7.52
CA LEU A 245 16.72 -9.03 -6.34
C LEU A 245 17.18 -9.71 -5.05
N PRO A 246 17.48 -8.96 -3.97
CA PRO A 246 17.44 -7.48 -3.84
C PRO A 246 18.50 -6.81 -4.69
N ARG A 247 18.25 -5.61 -5.25
CA ARG A 247 19.29 -4.85 -5.91
C ARG A 247 19.12 -3.37 -5.60
N GLU A 248 20.24 -2.66 -5.64
CA GLU A 248 20.25 -1.23 -5.34
C GLU A 248 19.68 -0.44 -6.52
N VAL A 249 18.94 0.61 -6.20
CA VAL A 249 18.30 1.45 -7.19
C VAL A 249 18.51 2.90 -6.77
N TRP A 250 18.25 3.79 -7.72
CA TRP A 250 18.20 5.22 -7.46
C TRP A 250 16.74 5.66 -7.60
N LEU A 251 16.25 6.41 -6.61
CA LEU A 251 14.87 6.84 -6.56
C LEU A 251 14.80 8.36 -6.64
N LEU A 252 13.78 8.86 -7.32
CA LEU A 252 13.55 10.30 -7.42
C LEU A 252 12.10 10.57 -7.09
N GLU A 253 11.86 11.43 -6.10
CA GLU A 253 10.50 11.85 -5.82
C GLU A 253 9.93 12.59 -7.03
N THR A 254 8.65 12.37 -7.28
CA THR A 254 7.98 12.94 -8.43
C THR A 254 6.55 13.29 -8.03
N PRO A 255 5.92 14.27 -8.66
CA PRO A 255 4.50 14.55 -8.39
C PRO A 255 3.62 13.36 -8.74
N GLN A 256 2.43 13.33 -8.13
CA GLN A 256 1.39 12.39 -8.52
C GLN A 256 1.14 12.51 -10.02
N ALA A 257 1.09 11.36 -10.69
CA ALA A 257 1.06 11.38 -12.16
C ALA A 257 -0.18 12.10 -12.67
N ASP A 258 -0.04 12.78 -13.82
CA ASP A 258 -1.16 13.50 -14.45
C ASP A 258 -2.40 12.64 -14.55
N ASP A 259 -2.24 11.40 -15.00
CA ASP A 259 -3.32 10.49 -15.33
C ASP A 259 -3.70 9.54 -14.19
N PHE A 260 -3.04 9.61 -13.04
CA PHE A 260 -3.40 8.76 -11.91
C PHE A 260 -4.23 9.56 -10.91
N TRP A 261 -5.42 9.07 -10.62
CA TRP A 261 -6.30 9.63 -9.60
C TRP A 261 -7.26 8.53 -9.19
N CYS A 262 -7.82 8.68 -8.01
CA CYS A 262 -8.57 7.60 -7.40
C CYS A 262 -9.77 8.24 -6.70
N GLU A 263 -10.97 8.04 -7.28
CA GLU A 263 -12.21 8.60 -6.75
C GLU A 263 -13.05 7.55 -6.01
N GLY A 264 -13.98 8.05 -5.19
CA GLY A 264 -14.77 7.18 -4.35
C GLY A 264 -15.91 6.50 -5.09
N GLU A 265 -16.31 5.35 -4.56
CA GLU A 265 -17.52 4.67 -5.01
C GLU A 265 -18.16 4.00 -3.80
N PRO A 266 -19.45 3.68 -3.87
CA PRO A 266 -20.15 3.18 -2.68
C PRO A 266 -19.57 1.86 -2.18
N TYR A 267 -19.44 1.77 -0.85
CA TYR A 267 -19.05 0.53 -0.19
C TYR A 267 -20.29 -0.33 0.05
N PRO A 268 -20.38 -1.54 -0.50
CA PRO A 268 -21.56 -2.38 -0.30
C PRO A 268 -21.50 -3.38 0.86
N GLY A 269 -20.42 -3.44 1.64
CA GLY A 269 -20.27 -4.49 2.61
C GLY A 269 -20.98 -4.16 3.91
N PRO A 270 -20.83 -5.03 4.89
CA PRO A 270 -21.38 -4.74 6.22
C PRO A 270 -20.78 -3.46 6.77
N LYS A 271 -21.62 -2.64 7.39
CA LYS A 271 -21.15 -1.40 7.96
C LYS A 271 -20.31 -1.69 9.22
N VAL A 272 -19.30 -0.84 9.45
CA VAL A 272 -18.54 -0.87 10.69
C VAL A 272 -19.14 0.16 11.63
N PHE A 273 -19.55 -0.29 12.86
CA PHE A 273 -20.22 0.54 13.86
C PHE A 273 -19.22 1.00 14.91
N PRO A 274 -19.40 2.23 15.46
CA PRO A 274 -20.47 3.18 15.15
C PRO A 274 -20.29 3.93 13.84
CO CO B . 0.28 2.10 -0.28
C1 GOL C . -3.36 4.20 -1.85
O1 GOL C . -3.09 3.85 -0.47
C2 GOL C . -2.17 5.09 -2.42
O2 GOL C . -2.51 5.66 -3.64
C3 GOL C . -2.00 6.21 -1.40
O3 GOL C . -3.05 7.16 -1.71
C1 GOL D . 12.00 3.36 4.42
O1 GOL D . 12.01 3.31 2.98
C2 GOL D . 12.73 4.71 4.82
O2 GOL D . 14.08 4.67 4.52
C3 GOL D . 12.44 5.00 6.36
O3 GOL D . 13.37 4.27 7.13
C1 GOL E . -2.93 3.88 -13.65
O1 GOL E . -2.20 3.07 -14.51
C2 GOL E . -2.28 5.28 -13.72
O2 GOL E . -2.38 5.82 -14.99
C3 GOL E . -0.80 5.05 -13.27
O3 GOL E . 0.00 6.13 -13.78
C1 GOL F . -11.73 -14.67 17.06
O1 GOL F . -12.70 -15.11 16.18
C2 GOL F . -11.68 -13.19 16.81
O2 GOL F . -12.66 -12.84 15.89
C3 GOL F . -11.96 -12.55 18.18
O3 GOL F . -13.29 -12.11 18.13
#